data_9DKO
#
_entry.id   9DKO
#
_cell.length_a   85.203
_cell.length_b   85.203
_cell.length_c   140.127
_cell.angle_alpha   90.000
_cell.angle_beta   90.000
_cell.angle_gamma   120.000
#
_symmetry.space_group_name_H-M   'P 64'
#
loop_
_entity.id
_entity.type
_entity.pdbx_description
1 polymer 'Dihydroorotate dehydrogenase (quinone), mitochondrial'
2 non-polymer 6-cyclopropyl-2,4-dimethyl-3-{[4-(trifluoromethyl)phenyl]methyl}-2,6-dihydro-7H-pyrazolo[3,4-c]pyridin-7-one
3 non-polymer 'FLAVIN MONONUCLEOTIDE'
4 non-polymer 6-[bis(oxidanyl)methyl]-5~{H}-pyrimidine-2,4-dione
#
_entity_poly.entity_id   1
_entity_poly.type   'polypeptide(L)'
_entity_poly.pdbx_seq_one_letter_code
;MGHHHHHHAENLYFQGADPFESYNPEFFLYDIFLKFCLKYIDGEICHDLFLLLGKYNILPYDTSNDSIYACTNIKHLDFI
NPFGVAAGFDKNGVCIDSILKLGFSFIEIGTITPRGQTGNAKPRIFRDVESRSIINSCGFNNMGCDKVTENLILFRKRQE
EDKLLSKHIVGVSIGKNKDTVNIVDDLKYCINKIGRYADYIAINVSSPNTPGLRDNQEAGKLKNIILSVKEEIDNLEKNN
IMNDEFLWFNTTKKKPLVFVKLAPDLNQEQKKEIADVLLETNIDGMIISNTTTQINDIKSFENKKGGVSGAKLKDISTKF
ICEMYNYTNKQIPIIASGGIFSGLDALEKIEAGASVCQLYSCLVFNGMKSAVQIKRELNHLLYQRGYYNLKEAIGRKHSK
S
;
_entity_poly.pdbx_strand_id   A
#
loop_
_chem_comp.id
_chem_comp.type
_chem_comp.name
_chem_comp.formula
A1A5P non-polymer 6-cyclopropyl-2,4-dimethyl-3-{[4-(trifluoromethyl)phenyl]methyl}-2,6-dihydro-7H-pyrazolo[3,4-c]pyridin-7-one 'C19 H18 F3 N3 O'
FMN non-polymer 'FLAVIN MONONUCLEOTIDE' 'C17 H21 N4 O9 P'
OG6 non-polymer 6-[bis(oxidanyl)methyl]-5~{H}-pyrimidine-2,4-dione 'C5 H6 N2 O4'
#
# COMPACT_ATOMS: atom_id res chain seq x y z
N SER A 22 11.99 -15.75 -17.54
CA SER A 22 13.05 -15.40 -16.59
C SER A 22 12.92 -16.21 -15.31
N TYR A 23 13.34 -17.47 -15.36
CA TYR A 23 13.39 -18.30 -14.16
C TYR A 23 14.53 -17.84 -13.26
N ASN A 24 14.63 -18.46 -12.09
CA ASN A 24 15.72 -18.16 -11.16
C ASN A 24 15.75 -19.22 -10.07
N PRO A 25 16.87 -19.94 -9.91
CA PRO A 25 16.92 -20.96 -8.84
C PRO A 25 16.69 -20.39 -7.45
N GLU A 26 16.77 -19.07 -7.27
CA GLU A 26 16.64 -18.51 -5.94
C GLU A 26 15.18 -18.38 -5.51
N PHE A 27 14.29 -18.01 -6.43
CA PHE A 27 12.88 -17.89 -6.08
C PHE A 27 12.29 -19.22 -5.62
N PHE A 28 12.74 -20.31 -6.24
CA PHE A 28 12.07 -21.60 -6.04
C PHE A 28 12.28 -22.12 -4.62
N LEU A 29 13.48 -21.94 -4.06
CA LEU A 29 13.76 -22.50 -2.74
C LEU A 29 12.80 -21.98 -1.68
N TYR A 30 12.29 -20.77 -1.85
CA TYR A 30 11.38 -20.20 -0.87
C TYR A 30 9.96 -20.75 -0.99
N ASP A 31 9.58 -21.26 -2.17
CA ASP A 31 8.30 -21.94 -2.29
C ASP A 31 8.28 -23.23 -1.47
N ILE A 32 9.43 -23.90 -1.37
CA ILE A 32 9.55 -25.06 -0.51
C ILE A 32 9.23 -24.68 0.94
N PHE A 33 9.90 -23.64 1.44
CA PHE A 33 9.64 -23.18 2.80
C PHE A 33 8.21 -22.67 2.96
N LEU A 34 7.63 -22.12 1.89
CA LEU A 34 6.33 -21.46 2.01
C LEU A 34 5.24 -22.45 2.41
N LYS A 35 5.22 -23.62 1.76
CA LYS A 35 4.17 -24.59 2.09
C LYS A 35 4.26 -25.03 3.54
N PHE A 36 5.48 -25.20 4.05
CA PHE A 36 5.64 -25.55 5.47
C PHE A 36 5.04 -24.48 6.36
N CYS A 37 5.46 -23.23 6.17
CA CYS A 37 5.06 -22.15 7.08
C CYS A 37 3.55 -21.98 7.07
N LEU A 38 2.94 -21.90 5.89
CA LEU A 38 1.50 -21.70 5.81
C LEU A 38 0.72 -22.81 6.51
N LYS A 39 1.35 -23.95 6.77
CA LYS A 39 0.67 -25.10 7.35
C LYS A 39 0.90 -25.25 8.84
N TYR A 40 1.97 -24.69 9.38
CA TYR A 40 2.33 -24.89 10.78
C TYR A 40 2.66 -23.60 11.52
N ILE A 41 3.44 -22.71 10.92
CA ILE A 41 3.95 -21.55 11.65
C ILE A 41 2.88 -20.47 11.76
N ASP A 42 2.94 -19.71 12.85
CA ASP A 42 2.02 -18.61 13.07
C ASP A 42 2.28 -17.49 12.07
N GLY A 43 1.20 -16.80 11.67
CA GLY A 43 1.31 -15.79 10.64
C GLY A 43 2.33 -14.72 10.95
N GLU A 44 2.24 -14.12 12.15
CA GLU A 44 3.16 -13.05 12.49
C GLU A 44 4.59 -13.55 12.59
N ILE A 45 4.78 -14.80 13.01
CA ILE A 45 6.12 -15.37 13.00
C ILE A 45 6.62 -15.49 11.57
N CYS A 46 5.75 -15.92 10.65
CA CYS A 46 6.11 -15.94 9.24
C CYS A 46 6.51 -14.55 8.77
N HIS A 47 5.76 -13.53 9.19
CA HIS A 47 6.09 -12.16 8.79
C HIS A 47 7.46 -11.75 9.30
N ASP A 48 7.74 -12.05 10.57
CA ASP A 48 9.02 -11.66 11.15
C ASP A 48 10.18 -12.32 10.41
N LEU A 49 10.05 -13.61 10.10
CA LEU A 49 11.11 -14.30 9.37
C LEU A 49 11.35 -13.67 8.01
N PHE A 50 10.28 -13.45 7.24
CA PHE A 50 10.40 -12.81 5.95
C PHE A 50 11.14 -11.48 6.08
N LEU A 51 10.65 -10.62 6.99
CA LEU A 51 11.30 -9.32 7.17
C LEU A 51 12.75 -9.49 7.63
N LEU A 52 13.01 -10.49 8.46
CA LEU A 52 14.37 -10.69 8.95
C LEU A 52 15.30 -11.13 7.82
N LEU A 53 14.84 -12.04 6.96
CA LEU A 53 15.65 -12.47 5.84
C LEU A 53 15.93 -11.31 4.90
N GLY A 54 14.92 -10.50 4.61
CA GLY A 54 15.13 -9.35 3.74
C GLY A 54 16.00 -8.29 4.34
N LYS A 55 16.03 -8.21 5.67
CA LYS A 55 16.91 -7.26 6.35
C LYS A 55 18.37 -7.51 5.99
N TYR A 56 18.74 -8.78 5.83
CA TYR A 56 20.11 -9.17 5.55
C TYR A 56 20.38 -9.37 4.05
N ASN A 57 19.45 -8.97 3.20
CA ASN A 57 19.67 -8.90 1.76
C ASN A 57 20.00 -10.27 1.17
N ILE A 58 19.31 -11.30 1.65
CA ILE A 58 19.49 -12.66 1.15
C ILE A 58 18.22 -13.20 0.53
N LEU A 59 17.32 -12.32 0.10
CA LEU A 59 16.15 -12.71 -0.66
C LEU A 59 16.44 -12.60 -2.16
N PRO A 60 15.70 -13.33 -2.99
CA PRO A 60 16.02 -13.34 -4.42
C PRO A 60 15.83 -11.97 -5.05
N TYR A 61 16.43 -11.82 -6.23
CA TYR A 61 16.34 -10.59 -7.00
C TYR A 61 15.56 -10.84 -8.30
N ASP A 62 15.02 -9.75 -8.84
CA ASP A 62 14.42 -9.73 -10.18
C ASP A 62 14.95 -8.49 -10.88
N THR A 63 16.13 -8.62 -11.49
CA THR A 63 16.80 -7.49 -12.13
C THR A 63 16.50 -7.41 -13.62
N SER A 64 15.41 -8.02 -14.07
CA SER A 64 15.05 -7.98 -15.48
C SER A 64 14.32 -6.67 -15.81
N ASN A 65 14.54 -6.20 -17.04
CA ASN A 65 13.81 -5.02 -17.51
C ASN A 65 12.32 -5.32 -17.57
N ASP A 66 11.52 -4.37 -17.11
CA ASP A 66 10.07 -4.52 -17.07
C ASP A 66 9.44 -4.10 -18.39
N SER A 67 8.27 -4.68 -18.67
CA SER A 67 7.55 -4.36 -19.90
C SER A 67 7.19 -2.89 -19.93
N ILE A 68 7.43 -2.25 -21.07
CA ILE A 68 7.08 -0.85 -21.23
C ILE A 68 5.56 -0.68 -21.35
N TYR A 69 4.85 -1.77 -21.68
CA TYR A 69 3.39 -1.70 -21.74
C TYR A 69 2.78 -1.64 -20.34
N ALA A 70 3.52 -2.05 -19.32
CA ALA A 70 3.02 -2.10 -17.95
C ALA A 70 3.35 -0.85 -17.15
N CYS A 71 4.30 -0.04 -17.61
CA CYS A 71 4.61 1.21 -16.94
C CYS A 71 3.35 2.04 -16.74
N THR A 72 3.24 2.66 -15.57
CA THR A 72 2.07 3.47 -15.23
C THR A 72 2.53 4.74 -14.54
N ASN A 73 1.58 5.65 -14.33
CA ASN A 73 1.86 6.90 -13.64
C ASN A 73 0.58 7.41 -13.00
N ILE A 74 0.74 8.17 -11.93
CA ILE A 74 -0.35 8.89 -11.27
C ILE A 74 0.11 10.34 -11.20
N LYS A 75 -0.34 11.15 -12.16
CA LYS A 75 0.13 12.52 -12.33
C LYS A 75 1.63 12.43 -12.60
N HIS A 76 2.49 13.17 -11.89
CA HIS A 76 3.92 13.16 -12.16
C HIS A 76 4.65 12.01 -11.48
N LEU A 77 3.94 11.12 -10.81
CA LEU A 77 4.54 9.94 -10.18
C LEU A 77 4.61 8.84 -11.23
N ASP A 78 5.83 8.47 -11.63
CA ASP A 78 6.05 7.50 -12.69
C ASP A 78 6.51 6.19 -12.08
N PHE A 79 5.67 5.17 -12.21
CA PHE A 79 5.98 3.83 -11.72
C PHE A 79 6.50 2.96 -12.87
N ILE A 80 7.56 2.20 -12.59
CA ILE A 80 8.16 1.37 -13.63
C ILE A 80 7.27 0.18 -13.97
N ASN A 81 6.53 -0.34 -13.00
CA ASN A 81 5.55 -1.38 -13.24
C ASN A 81 4.40 -1.19 -12.25
N PRO A 82 3.26 -1.81 -12.49
CA PRO A 82 2.05 -1.44 -11.74
C PRO A 82 1.80 -2.27 -10.49
N PHE A 83 2.84 -2.79 -9.85
CA PHE A 83 2.68 -3.66 -8.69
C PHE A 83 3.65 -3.23 -7.59
N GLY A 84 3.10 -2.90 -6.43
CA GLY A 84 3.89 -2.62 -5.25
C GLY A 84 3.41 -3.44 -4.08
N VAL A 85 3.96 -3.21 -2.89
CA VAL A 85 3.58 -3.92 -1.68
C VAL A 85 2.71 -3.00 -0.83
N ALA A 86 1.57 -3.49 -0.38
CA ALA A 86 0.62 -2.66 0.34
C ALA A 86 1.17 -2.29 1.71
N ALA A 87 0.50 -1.33 2.35
CA ALA A 87 0.86 -0.93 3.70
C ALA A 87 0.65 -2.09 4.67
N GLY A 88 1.32 -2.00 5.82
CA GLY A 88 1.23 -3.02 6.84
C GLY A 88 2.23 -4.15 6.70
N PHE A 89 3.01 -4.17 5.62
CA PHE A 89 3.98 -5.24 5.40
C PHE A 89 5.32 -4.90 6.05
N ASP A 90 5.98 -3.85 5.56
CA ASP A 90 7.18 -3.32 6.20
C ASP A 90 6.81 -2.02 6.91
N LYS A 91 6.11 -2.18 8.04
CA LYS A 91 5.57 -1.03 8.74
C LYS A 91 6.66 -0.07 9.23
N ASN A 92 7.91 -0.53 9.31
CA ASN A 92 8.97 0.25 9.93
C ASN A 92 10.13 0.53 8.98
N GLY A 93 10.00 0.19 7.70
CA GLY A 93 11.05 0.49 6.75
C GLY A 93 12.38 -0.16 7.04
N VAL A 94 12.36 -1.37 7.61
CA VAL A 94 13.58 -2.12 7.87
C VAL A 94 13.87 -3.15 6.79
N CYS A 95 13.07 -3.19 5.73
CA CYS A 95 13.16 -4.24 4.72
C CYS A 95 12.91 -3.70 3.31
N ILE A 96 13.14 -2.40 3.10
CA ILE A 96 12.73 -1.76 1.86
C ILE A 96 13.53 -2.30 0.68
N ASP A 97 14.86 -2.30 0.80
CA ASP A 97 15.71 -2.65 -0.34
C ASP A 97 15.37 -4.05 -0.86
N SER A 98 15.33 -5.04 0.04
CA SER A 98 15.14 -6.42 -0.40
C SER A 98 13.76 -6.63 -1.01
N ILE A 99 12.72 -6.10 -0.37
CA ILE A 99 11.36 -6.29 -0.87
C ILE A 99 11.22 -5.70 -2.26
N LEU A 100 11.70 -4.47 -2.45
CA LEU A 100 11.63 -3.85 -3.77
C LEU A 100 12.40 -4.67 -4.80
N LYS A 101 13.56 -5.20 -4.42
CA LYS A 101 14.38 -5.95 -5.36
C LYS A 101 13.77 -7.31 -5.70
N LEU A 102 12.71 -7.73 -5.02
CA LEU A 102 11.99 -8.92 -5.44
C LEU A 102 11.32 -8.72 -6.80
N GLY A 103 11.07 -7.48 -7.20
CA GLY A 103 10.48 -7.20 -8.48
C GLY A 103 9.38 -6.16 -8.44
N PHE A 104 9.17 -5.54 -7.28
CA PHE A 104 8.12 -4.54 -7.12
C PHE A 104 8.61 -3.17 -7.54
N SER A 105 7.69 -2.34 -8.03
CA SER A 105 8.02 -0.98 -8.43
C SER A 105 7.95 0.01 -7.28
N PHE A 106 7.19 -0.29 -6.23
CA PHE A 106 7.07 0.63 -5.11
C PHE A 106 6.63 -0.15 -3.88
N ILE A 107 6.75 0.51 -2.73
CA ILE A 107 6.33 -0.05 -1.45
C ILE A 107 5.68 1.06 -0.64
N GLU A 108 4.65 0.72 0.12
CA GLU A 108 3.96 1.64 1.03
C GLU A 108 4.30 1.20 2.45
N ILE A 109 5.23 1.93 3.08
CA ILE A 109 5.61 1.60 4.46
C ILE A 109 4.55 2.17 5.39
N GLY A 110 4.56 1.74 6.64
CA GLY A 110 3.51 2.07 7.58
C GLY A 110 2.47 0.98 7.69
N THR A 111 1.32 1.32 8.25
CA THR A 111 1.01 2.67 8.73
C THR A 111 1.84 3.04 9.97
N ILE A 112 2.28 4.29 10.03
CA ILE A 112 3.11 4.78 11.11
C ILE A 112 2.31 5.76 11.95
N THR A 113 2.70 5.87 13.22
CA THR A 113 2.16 6.85 14.15
C THR A 113 3.32 7.64 14.73
N PRO A 114 3.07 8.85 15.26
CA PRO A 114 4.18 9.67 15.78
C PRO A 114 5.02 8.96 16.83
N ARG A 115 4.41 8.13 17.67
CA ARG A 115 5.13 7.33 18.66
C ARG A 115 4.80 5.85 18.45
N GLY A 116 5.84 5.01 18.45
CA GLY A 116 5.60 3.60 18.19
C GLY A 116 4.65 2.99 19.22
N GLN A 117 3.83 2.06 18.73
CA GLN A 117 2.88 1.34 19.57
C GLN A 117 3.21 -0.15 19.57
N THR A 118 2.71 -0.86 20.58
CA THR A 118 2.85 -2.31 20.61
C THR A 118 1.76 -3.00 19.81
N GLY A 119 0.58 -2.39 19.73
CA GLY A 119 -0.56 -3.00 19.08
C GLY A 119 -1.36 -3.85 20.02
N ASN A 120 -2.37 -4.51 19.46
CA ASN A 120 -3.20 -5.41 20.25
C ASN A 120 -2.39 -6.65 20.62
N ALA A 121 -2.99 -7.48 21.47
CA ALA A 121 -2.29 -8.63 22.01
C ALA A 121 -2.20 -9.75 20.97
N LYS A 122 -1.08 -10.45 20.98
CA LYS A 122 -0.89 -11.60 20.11
C LYS A 122 -1.55 -12.84 20.72
N PRO A 123 -1.93 -13.82 19.90
CA PRO A 123 -1.95 -13.81 18.43
C PRO A 123 -2.94 -12.81 17.87
N ARG A 124 -2.58 -12.14 16.78
CA ARG A 124 -3.46 -11.15 16.16
C ARG A 124 -3.53 -11.30 14.64
N ILE A 125 -2.98 -12.39 14.09
CA ILE A 125 -3.02 -12.67 12.67
C ILE A 125 -3.36 -14.14 12.48
N PHE A 126 -4.35 -14.43 11.65
CA PHE A 126 -4.82 -15.79 11.43
C PHE A 126 -5.01 -16.01 9.94
N ARG A 127 -4.76 -17.25 9.50
CA ARG A 127 -4.73 -17.58 8.09
C ARG A 127 -5.66 -18.75 7.80
N ASP A 128 -6.48 -18.61 6.75
CA ASP A 128 -7.35 -19.67 6.26
C ASP A 128 -6.82 -20.06 4.88
N VAL A 129 -5.92 -21.05 4.86
CA VAL A 129 -5.25 -21.44 3.63
C VAL A 129 -6.26 -21.84 2.56
N GLU A 130 -7.32 -22.56 2.97
CA GLU A 130 -8.28 -23.07 1.99
C GLU A 130 -8.95 -21.95 1.23
N SER A 131 -9.32 -20.87 1.91
CA SER A 131 -9.96 -19.72 1.28
C SER A 131 -8.97 -18.63 0.88
N ARG A 132 -7.67 -18.84 1.11
CA ARG A 132 -6.64 -17.84 0.80
C ARG A 132 -7.01 -16.49 1.41
N SER A 133 -7.36 -16.53 2.70
CA SER A 133 -7.82 -15.35 3.41
C SER A 133 -7.00 -15.16 4.68
N ILE A 134 -6.97 -13.91 5.15
CA ILE A 134 -6.27 -13.53 6.37
C ILE A 134 -7.16 -12.58 7.15
N ILE A 135 -7.16 -12.72 8.47
CA ILE A 135 -7.84 -11.77 9.35
C ILE A 135 -6.83 -11.31 10.39
N ASN A 136 -6.77 -10.00 10.62
CA ASN A 136 -5.76 -9.43 11.48
C ASN A 136 -6.37 -8.36 12.37
N SER A 137 -5.85 -8.27 13.59
CA SER A 137 -6.23 -7.23 14.55
C SER A 137 -4.95 -6.65 15.17
N CYS A 138 -4.06 -6.17 14.30
CA CYS A 138 -2.75 -5.72 14.76
C CYS A 138 -2.87 -4.50 15.66
N GLY A 139 -3.45 -3.42 15.14
CA GLY A 139 -3.63 -2.20 15.93
C GLY A 139 -2.47 -1.24 15.82
N PHE A 140 -1.97 -1.03 14.60
CA PHE A 140 -0.87 -0.10 14.34
C PHE A 140 0.30 -0.34 15.29
N ASN A 141 0.94 -1.49 15.10
CA ASN A 141 2.19 -1.80 15.78
C ASN A 141 3.34 -1.29 14.92
N ASN A 142 4.09 -0.33 15.44
CA ASN A 142 5.19 0.26 14.68
C ASN A 142 6.19 0.87 15.64
N MET A 143 7.35 1.23 15.10
CA MET A 143 8.44 1.79 15.90
C MET A 143 8.29 3.29 16.16
N GLY A 144 7.37 3.95 15.47
CA GLY A 144 7.20 5.38 15.62
C GLY A 144 7.80 6.15 14.45
N CYS A 145 7.34 7.39 14.29
CA CYS A 145 7.76 8.19 13.14
C CYS A 145 9.26 8.48 13.19
N ASP A 146 9.79 8.82 14.36
CA ASP A 146 11.20 9.19 14.47
C ASP A 146 12.11 8.06 14.00
N LYS A 147 11.96 6.88 14.60
CA LYS A 147 12.85 5.77 14.27
C LYS A 147 12.67 5.33 12.82
N VAL A 148 11.41 5.24 12.36
CA VAL A 148 11.18 4.85 10.97
C VAL A 148 11.79 5.88 10.02
N THR A 149 11.74 7.15 10.39
CA THR A 149 12.37 8.19 9.57
C THR A 149 13.87 7.95 9.48
N GLU A 150 14.51 7.60 10.60
CA GLU A 150 15.94 7.30 10.56
C GLU A 150 16.21 6.15 9.61
N ASN A 151 15.37 5.10 9.66
CA ASN A 151 15.54 3.98 8.75
C ASN A 151 15.38 4.41 7.30
N LEU A 152 14.37 5.24 7.01
CA LEU A 152 14.14 5.67 5.64
C LEU A 152 15.30 6.53 5.13
N ILE A 153 15.89 7.35 6.01
CA ILE A 153 17.05 8.14 5.60
C ILE A 153 18.21 7.22 5.22
N LEU A 154 18.44 6.18 6.03
CA LEU A 154 19.47 5.20 5.69
C LEU A 154 19.19 4.56 4.35
N PHE A 155 17.92 4.29 4.05
CA PHE A 155 17.57 3.67 2.77
C PHE A 155 17.87 4.62 1.62
N ARG A 156 17.41 5.87 1.73
CA ARG A 156 17.66 6.84 0.66
C ARG A 156 19.15 7.01 0.40
N LYS A 157 19.98 6.90 1.44
CA LYS A 157 21.42 6.94 1.24
C LYS A 157 21.90 5.71 0.47
N ARG A 158 21.39 4.53 0.83
CA ARG A 158 21.72 3.32 0.08
C ARG A 158 21.21 3.41 -1.36
N GLN A 159 20.00 3.93 -1.53
CA GLN A 159 19.43 4.05 -2.87
C GLN A 159 20.34 4.86 -3.79
N GLU A 160 20.99 5.89 -3.25
CA GLU A 160 21.88 6.71 -4.05
C GLU A 160 23.06 5.91 -4.59
N GLU A 161 23.38 4.77 -3.98
CA GLU A 161 24.57 4.00 -4.34
C GLU A 161 24.25 2.64 -4.94
N ASP A 162 22.97 2.30 -5.14
CA ASP A 162 22.57 1.00 -5.65
C ASP A 162 21.69 1.19 -6.87
N LYS A 163 22.06 0.52 -7.97
CA LYS A 163 21.32 0.68 -9.21
C LYS A 163 19.97 -0.03 -9.15
N LEU A 164 19.91 -1.17 -8.46
CA LEU A 164 18.66 -1.92 -8.39
C LEU A 164 17.56 -1.17 -7.64
N LEU A 165 17.88 -0.03 -7.02
CA LEU A 165 16.89 0.77 -6.32
C LEU A 165 16.60 2.09 -7.01
N SER A 166 17.27 2.38 -8.13
CA SER A 166 17.04 3.63 -8.82
C SER A 166 15.62 3.68 -9.40
N LYS A 167 14.98 4.83 -9.23
CA LYS A 167 13.65 5.12 -9.75
C LYS A 167 12.55 4.31 -9.09
N HIS A 168 12.85 3.58 -8.02
CA HIS A 168 11.82 2.90 -7.25
C HIS A 168 11.18 3.87 -6.26
N ILE A 169 9.90 3.64 -6.00
CA ILE A 169 9.07 4.56 -5.22
C ILE A 169 8.85 4.00 -3.83
N VAL A 170 8.76 4.90 -2.85
CA VAL A 170 8.46 4.55 -1.47
C VAL A 170 7.42 5.53 -0.97
N GLY A 171 6.21 5.04 -0.72
CA GLY A 171 5.17 5.81 -0.09
C GLY A 171 5.09 5.49 1.40
N VAL A 172 4.52 6.42 2.15
CA VAL A 172 4.42 6.31 3.60
C VAL A 172 2.95 6.44 3.98
N SER A 173 2.41 5.38 4.59
CA SER A 173 1.05 5.42 5.15
C SER A 173 1.13 5.95 6.58
N ILE A 174 0.27 6.90 6.90
CA ILE A 174 0.31 7.59 8.19
C ILE A 174 -1.03 7.43 8.90
N GLY A 175 -0.96 7.37 10.23
CA GLY A 175 -2.15 7.26 11.04
C GLY A 175 -2.01 7.97 12.37
N LYS A 176 -2.80 7.57 13.36
CA LYS A 176 -2.78 8.18 14.67
C LYS A 176 -2.38 7.16 15.72
N ASN A 177 -1.76 7.64 16.80
CA ASN A 177 -1.58 6.80 17.97
C ASN A 177 -2.95 6.44 18.55
N LYS A 178 -2.97 5.37 19.35
CA LYS A 178 -4.25 4.86 19.86
C LYS A 178 -4.93 5.89 20.75
N ASP A 179 -4.19 6.45 21.71
CA ASP A 179 -4.78 7.39 22.66
C ASP A 179 -4.92 8.79 22.09
N THR A 180 -4.02 9.20 21.19
CA THR A 180 -4.02 10.56 20.68
C THR A 180 -5.35 10.89 20.00
N VAL A 181 -6.12 11.77 20.63
CA VAL A 181 -7.34 12.33 20.06
C VAL A 181 -6.93 13.45 19.11
N ASN A 182 -7.87 13.94 18.30
CA ASN A 182 -7.56 14.94 17.29
C ASN A 182 -6.47 14.39 16.37
N ILE A 183 -6.87 13.55 15.41
CA ILE A 183 -5.92 12.88 14.54
C ILE A 183 -5.10 13.85 13.72
N VAL A 184 -5.59 15.08 13.51
CA VAL A 184 -4.87 16.03 12.68
C VAL A 184 -3.47 16.27 13.24
N ASP A 185 -3.34 16.38 14.57
CA ASP A 185 -2.05 16.68 15.18
C ASP A 185 -1.00 15.62 14.85
N ASP A 186 -1.37 14.34 15.03
CA ASP A 186 -0.43 13.27 14.71
C ASP A 186 0.03 13.34 13.26
N LEU A 187 -0.91 13.57 12.32
CA LEU A 187 -0.54 13.63 10.92
C LEU A 187 0.48 14.74 10.67
N LYS A 188 0.23 15.93 11.22
CA LYS A 188 1.16 17.04 11.01
C LYS A 188 2.57 16.70 11.51
N TYR A 189 2.66 15.99 12.64
CA TYR A 189 3.98 15.62 13.15
C TYR A 189 4.68 14.70 12.17
N CYS A 190 3.98 13.69 11.64
CA CYS A 190 4.60 12.79 10.68
C CYS A 190 5.03 13.55 9.44
N ILE A 191 4.16 14.42 8.91
CA ILE A 191 4.50 15.20 7.73
C ILE A 191 5.80 15.96 7.96
N ASN A 192 5.91 16.60 9.12
CA ASN A 192 7.04 17.50 9.39
C ASN A 192 8.33 16.78 9.72
N LYS A 193 8.30 15.46 9.93
CA LYS A 193 9.50 14.71 10.25
C LYS A 193 9.96 13.80 9.11
N ILE A 194 9.02 13.23 8.35
CA ILE A 194 9.34 12.26 7.31
C ILE A 194 8.87 12.71 5.94
N GLY A 195 8.23 13.87 5.84
CA GLY A 195 7.67 14.28 4.56
C GLY A 195 8.71 14.46 3.48
N ARG A 196 9.89 14.97 3.84
CA ARG A 196 10.92 15.25 2.86
C ARG A 196 11.44 14.00 2.16
N TYR A 197 11.24 12.83 2.75
CA TYR A 197 11.81 11.59 2.24
C TYR A 197 10.79 10.66 1.62
N ALA A 198 9.52 11.06 1.53
CA ALA A 198 8.47 10.22 0.99
C ALA A 198 8.09 10.69 -0.42
N ASP A 199 7.81 9.72 -1.30
CA ASP A 199 7.35 10.05 -2.64
C ASP A 199 5.87 10.37 -2.66
N TYR A 200 5.08 9.70 -1.82
CA TYR A 200 3.67 10.04 -1.65
C TYR A 200 3.26 9.71 -0.23
N ILE A 201 2.19 10.35 0.21
CA ILE A 201 1.66 10.17 1.56
C ILE A 201 0.27 9.57 1.45
N ALA A 202 0.03 8.49 2.17
CA ALA A 202 -1.26 7.81 2.20
C ALA A 202 -1.91 8.04 3.56
N ILE A 203 -3.06 8.69 3.57
CA ILE A 203 -3.81 8.95 4.79
C ILE A 203 -4.71 7.75 5.07
N ASN A 204 -4.46 7.08 6.19
CA ASN A 204 -5.20 5.88 6.57
C ASN A 204 -6.31 6.29 7.54
N VAL A 205 -7.52 6.39 7.03
CA VAL A 205 -8.70 6.67 7.86
C VAL A 205 -9.65 5.48 7.75
N SER A 206 -9.08 4.29 7.56
CA SER A 206 -9.87 3.10 7.26
C SER A 206 -9.49 1.86 8.07
N SER A 207 -8.50 1.95 8.94
CA SER A 207 -8.11 0.80 9.74
C SER A 207 -9.25 0.43 10.69
N PRO A 208 -9.64 -0.85 10.76
CA PRO A 208 -10.69 -1.26 11.71
C PRO A 208 -10.21 -1.57 13.11
N ASN A 209 -8.90 -1.56 13.36
CA ASN A 209 -8.32 -1.99 14.62
C ASN A 209 -8.01 -0.84 15.57
N THR A 210 -8.26 0.40 15.16
CA THR A 210 -8.22 1.55 16.06
C THR A 210 -9.63 2.10 16.19
N PRO A 211 -10.29 1.97 17.34
CA PRO A 211 -11.71 2.30 17.42
C PRO A 211 -12.01 3.71 16.93
N GLY A 212 -13.07 3.82 16.11
CA GLY A 212 -13.57 5.10 15.67
C GLY A 212 -12.78 5.80 14.59
N LEU A 213 -11.71 5.19 14.09
CA LEU A 213 -10.95 5.82 13.01
C LEU A 213 -11.81 5.99 11.76
N ARG A 214 -12.64 4.99 11.45
CA ARG A 214 -13.51 5.07 10.29
C ARG A 214 -14.65 6.05 10.49
N ASP A 215 -14.89 6.49 11.73
CA ASP A 215 -15.83 7.57 11.97
C ASP A 215 -15.28 8.90 11.47
N ASN A 216 -13.95 9.00 11.27
CA ASN A 216 -13.31 10.21 10.77
C ASN A 216 -13.47 10.38 9.27
N GLN A 217 -14.03 9.39 8.56
CA GLN A 217 -14.27 9.51 7.14
C GLN A 217 -15.48 10.39 6.81
N GLU A 218 -16.12 10.97 7.82
CA GLU A 218 -17.18 11.94 7.58
C GLU A 218 -16.66 13.05 6.67
N ALA A 219 -17.53 13.51 5.76
CA ALA A 219 -17.11 14.47 4.75
C ALA A 219 -16.39 15.66 5.38
N GLY A 220 -16.99 16.24 6.42
CA GLY A 220 -16.37 17.40 7.05
C GLY A 220 -15.02 17.06 7.66
N LYS A 221 -14.97 16.03 8.50
CA LYS A 221 -13.72 15.63 9.12
C LYS A 221 -12.67 15.31 8.06
N LEU A 222 -13.04 14.46 7.08
CA LEU A 222 -12.09 14.07 6.05
C LEU A 222 -11.60 15.26 5.25
N LYS A 223 -12.44 16.27 5.08
CA LYS A 223 -12.00 17.48 4.38
C LYS A 223 -10.87 18.18 5.14
N ASN A 224 -11.10 18.47 6.43
CA ASN A 224 -10.10 19.15 7.22
C ASN A 224 -8.81 18.34 7.29
N ILE A 225 -8.93 17.01 7.41
CA ILE A 225 -7.74 16.16 7.45
C ILE A 225 -6.95 16.32 6.17
N ILE A 226 -7.61 16.17 5.02
CA ILE A 226 -6.91 16.23 3.74
C ILE A 226 -6.28 17.60 3.54
N LEU A 227 -7.05 18.66 3.77
CA LEU A 227 -6.54 20.01 3.55
C LEU A 227 -5.38 20.34 4.47
N SER A 228 -5.39 19.80 5.69
CA SER A 228 -4.30 20.07 6.61
C SER A 228 -3.02 19.35 6.18
N VAL A 229 -3.16 18.14 5.63
CA VAL A 229 -1.99 17.42 5.15
C VAL A 229 -1.37 18.14 3.96
N LYS A 230 -2.19 18.49 2.96
CA LYS A 230 -1.67 19.18 1.80
C LYS A 230 -1.05 20.52 2.18
N GLU A 231 -1.63 21.21 3.16
CA GLU A 231 -1.07 22.47 3.61
C GLU A 231 0.25 22.27 4.34
N GLU A 232 0.32 21.23 5.19
CA GLU A 232 1.55 20.98 5.93
C GLU A 232 2.68 20.56 5.00
N ILE A 233 2.37 19.76 3.99
CA ILE A 233 3.37 19.38 2.99
C ILE A 233 3.86 20.62 2.26
N ASP A 234 2.93 21.49 1.85
CA ASP A 234 3.31 22.70 1.14
C ASP A 234 4.11 23.67 1.99
N ASN A 235 3.98 23.59 3.32
CA ASN A 235 4.66 24.54 4.20
C ASN A 235 6.11 24.15 4.48
N LEU A 236 6.47 22.88 4.30
CA LEU A 236 7.88 22.49 4.43
C LEU A 236 8.74 23.15 3.38
N GLU A 237 8.16 23.49 2.23
CA GLU A 237 8.92 24.08 1.13
C GLU A 237 9.20 25.56 1.34
N LYS A 238 8.32 26.26 2.07
CA LYS A 238 8.41 27.71 2.17
C LYS A 238 9.76 28.14 2.74
N ASN A 239 10.05 27.75 3.97
CA ASN A 239 11.22 28.23 4.70
C ASN A 239 12.49 27.46 4.39
N ASN A 240 12.70 27.10 3.13
CA ASN A 240 13.88 26.34 2.75
C ASN A 240 15.00 27.27 2.29
N ILE A 241 16.24 26.84 2.52
CA ILE A 241 17.40 27.66 2.19
C ILE A 241 17.96 27.32 0.81
N MET A 242 17.77 26.09 0.35
CA MET A 242 18.41 25.59 -0.85
C MET A 242 17.37 25.34 -1.95
N ASN A 243 17.81 24.68 -3.02
CA ASN A 243 16.92 24.34 -4.11
C ASN A 243 16.05 23.14 -3.73
N ASP A 244 15.08 22.84 -4.60
CA ASP A 244 14.19 21.71 -4.35
C ASP A 244 14.91 20.38 -4.55
N GLU A 245 15.97 20.36 -5.37
CA GLU A 245 16.69 19.11 -5.60
C GLU A 245 17.27 18.55 -4.32
N PHE A 246 17.61 19.41 -3.35
CA PHE A 246 18.24 18.98 -2.11
C PHE A 246 17.27 18.87 -0.95
N LEU A 247 16.12 19.56 -1.01
CA LEU A 247 15.15 19.46 0.07
C LEU A 247 14.44 18.11 0.04
N TRP A 248 13.91 17.73 -1.12
CA TRP A 248 13.16 16.48 -1.27
C TRP A 248 14.16 15.36 -1.55
N PHE A 249 14.56 14.65 -0.50
CA PHE A 249 15.48 13.53 -0.63
C PHE A 249 14.70 12.23 -0.85
N ASN A 250 14.00 12.19 -1.98
CA ASN A 250 13.17 11.07 -2.35
C ASN A 250 13.46 10.72 -3.80
N THR A 251 12.57 9.94 -4.42
CA THR A 251 12.78 9.53 -5.81
C THR A 251 12.41 10.65 -6.78
N THR A 252 11.30 11.34 -6.52
CA THR A 252 10.81 12.35 -7.44
C THR A 252 11.57 13.66 -7.36
N LYS A 253 12.27 13.91 -6.25
CA LYS A 253 12.87 15.21 -5.98
C LYS A 253 11.83 16.32 -5.92
N LYS A 254 10.57 15.95 -5.66
CA LYS A 254 9.46 16.89 -5.62
C LYS A 254 8.58 16.56 -4.42
N LYS A 255 7.71 17.49 -4.06
CA LYS A 255 6.90 17.31 -2.88
C LYS A 255 6.03 16.07 -3.02
N PRO A 256 5.78 15.33 -1.94
CA PRO A 256 5.01 14.08 -2.06
C PRO A 256 3.55 14.34 -2.40
N LEU A 257 3.01 13.48 -3.25
CA LEU A 257 1.57 13.48 -3.49
C LEU A 257 0.84 13.06 -2.21
N VAL A 258 -0.48 13.24 -2.22
CA VAL A 258 -1.32 12.93 -1.07
C VAL A 258 -2.43 12.00 -1.53
N PHE A 259 -2.43 10.78 -1.00
CA PHE A 259 -3.47 9.81 -1.26
C PHE A 259 -4.26 9.55 0.03
N VAL A 260 -5.47 9.04 -0.14
CA VAL A 260 -6.32 8.65 0.98
C VAL A 260 -6.73 7.20 0.78
N LYS A 261 -6.59 6.40 1.84
CA LYS A 261 -7.00 5.00 1.83
C LYS A 261 -8.36 4.88 2.51
N LEU A 262 -9.31 4.29 1.79
CA LEU A 262 -10.70 4.26 2.21
C LEU A 262 -11.14 2.83 2.53
N ALA A 263 -12.11 2.72 3.48
CA ALA A 263 -12.69 1.44 3.86
C ALA A 263 -13.90 1.13 3.00
N PRO A 264 -14.17 -0.16 2.76
CA PRO A 264 -15.29 -0.54 1.89
C PRO A 264 -16.65 -0.61 2.59
N ASP A 265 -16.69 -0.51 3.91
CA ASP A 265 -17.93 -0.71 4.66
C ASP A 265 -18.65 0.61 4.91
N LEU A 266 -19.04 1.27 3.82
CA LEU A 266 -19.78 2.51 3.88
C LEU A 266 -21.03 2.40 2.99
N ASN A 267 -22.01 3.23 3.30
CA ASN A 267 -23.24 3.27 2.51
C ASN A 267 -23.05 4.25 1.33
N GLN A 268 -24.05 4.27 0.45
CA GLN A 268 -23.93 5.06 -0.77
C GLN A 268 -23.88 6.55 -0.48
N GLU A 269 -24.71 7.02 0.45
CA GLU A 269 -24.70 8.44 0.79
C GLU A 269 -23.31 8.87 1.24
N GLN A 270 -22.71 8.15 2.19
CA GLN A 270 -21.36 8.45 2.62
C GLN A 270 -20.38 8.40 1.44
N LYS A 271 -20.51 7.36 0.61
CA LYS A 271 -19.55 7.16 -0.47
C LYS A 271 -19.54 8.33 -1.45
N LYS A 272 -20.70 8.90 -1.73
CA LYS A 272 -20.75 9.95 -2.75
C LYS A 272 -20.23 11.28 -2.21
N GLU A 273 -20.55 11.62 -0.96
CA GLU A 273 -20.11 12.90 -0.43
C GLU A 273 -18.60 12.92 -0.19
N ILE A 274 -18.04 11.84 0.35
CA ILE A 274 -16.59 11.77 0.52
C ILE A 274 -15.91 11.94 -0.83
N ALA A 275 -16.48 11.33 -1.88
CA ALA A 275 -15.95 11.55 -3.22
C ALA A 275 -16.03 13.02 -3.61
N ASP A 276 -17.13 13.69 -3.24
CA ASP A 276 -17.24 15.13 -3.48
C ASP A 276 -16.15 15.89 -2.73
N VAL A 277 -15.83 15.45 -1.51
CA VAL A 277 -14.79 16.13 -0.74
C VAL A 277 -13.44 15.97 -1.44
N LEU A 278 -13.19 14.78 -2.00
CA LEU A 278 -11.91 14.56 -2.67
C LEU A 278 -11.76 15.46 -3.89
N LEU A 279 -12.87 15.71 -4.60
CA LEU A 279 -12.82 16.64 -5.72
C LEU A 279 -12.53 18.06 -5.25
N GLU A 280 -13.27 18.53 -4.23
CA GLU A 280 -13.10 19.88 -3.76
C GLU A 280 -11.68 20.12 -3.23
N THR A 281 -11.14 19.13 -2.52
CA THR A 281 -9.82 19.27 -1.92
C THR A 281 -8.68 18.92 -2.87
N ASN A 282 -8.98 18.36 -4.04
CA ASN A 282 -7.98 18.05 -5.05
C ASN A 282 -6.97 17.04 -4.53
N ILE A 283 -7.49 15.95 -3.94
CA ILE A 283 -6.62 14.89 -3.47
C ILE A 283 -5.92 14.25 -4.68
N ASP A 284 -4.69 13.78 -4.45
CA ASP A 284 -3.88 13.28 -5.55
C ASP A 284 -4.20 11.84 -5.92
N GLY A 285 -4.87 11.09 -5.05
CA GLY A 285 -5.21 9.72 -5.36
C GLY A 285 -6.06 9.11 -4.26
N MET A 286 -6.59 7.93 -4.57
CA MET A 286 -7.42 7.18 -3.63
C MET A 286 -6.97 5.72 -3.65
N ILE A 287 -6.73 5.17 -2.46
CA ILE A 287 -6.32 3.78 -2.31
C ILE A 287 -7.55 2.99 -1.89
N ILE A 288 -8.02 2.12 -2.78
CA ILE A 288 -9.20 1.29 -2.55
C ILE A 288 -8.75 -0.16 -2.63
N SER A 289 -8.76 -0.88 -1.50
CA SER A 289 -9.23 -0.39 -0.21
C SER A 289 -8.53 -1.08 0.96
N ASN A 290 -8.95 -0.75 2.18
CA ASN A 290 -8.40 -1.36 3.38
C ASN A 290 -9.15 -2.68 3.64
N THR A 291 -8.90 -3.29 4.79
CA THR A 291 -9.58 -4.53 5.13
C THR A 291 -11.05 -4.27 5.46
N THR A 292 -11.82 -5.35 5.49
CA THR A 292 -13.26 -5.27 5.73
C THR A 292 -13.63 -6.08 6.98
N THR A 293 -14.73 -5.67 7.61
CA THR A 293 -15.23 -6.33 8.81
C THR A 293 -16.58 -7.00 8.59
N GLN A 294 -17.08 -7.01 7.36
CA GLN A 294 -18.43 -7.47 7.06
C GLN A 294 -18.48 -8.88 6.49
N ILE A 295 -17.36 -9.58 6.44
CA ILE A 295 -17.31 -10.96 5.94
C ILE A 295 -17.53 -11.90 7.10
N ASN A 296 -18.49 -12.84 6.94
CA ASN A 296 -18.87 -13.76 8.00
C ASN A 296 -18.94 -15.20 7.52
N ASP A 297 -18.22 -15.54 6.43
CA ASP A 297 -18.33 -16.86 5.82
C ASP A 297 -17.01 -17.61 5.86
N ILE A 298 -16.13 -17.29 6.81
CA ILE A 298 -14.89 -18.02 7.03
C ILE A 298 -15.04 -18.74 8.37
N LYS A 299 -15.18 -20.07 8.31
CA LYS A 299 -15.48 -20.82 9.52
C LYS A 299 -14.39 -20.68 10.56
N SER A 300 -13.12 -20.63 10.12
CA SER A 300 -12.00 -20.54 11.06
C SER A 300 -11.87 -19.16 11.69
N PHE A 301 -12.54 -18.15 11.14
CA PHE A 301 -12.45 -16.79 11.65
C PHE A 301 -13.70 -16.37 12.42
N GLU A 302 -14.56 -17.31 12.80
CA GLU A 302 -15.82 -16.94 13.45
C GLU A 302 -15.57 -16.22 14.77
N ASN A 303 -14.78 -16.83 15.66
CA ASN A 303 -14.50 -16.27 16.97
C ASN A 303 -13.31 -15.30 16.96
N LYS A 304 -12.83 -14.91 15.79
CA LYS A 304 -11.66 -14.04 15.68
C LYS A 304 -12.10 -12.62 15.38
N LYS A 305 -11.47 -11.66 16.06
CA LYS A 305 -11.74 -10.24 15.85
C LYS A 305 -10.71 -9.66 14.89
N GLY A 306 -11.12 -8.61 14.18
CA GLY A 306 -10.27 -7.91 13.25
C GLY A 306 -10.87 -7.87 11.85
N GLY A 307 -10.11 -7.26 10.95
CA GLY A 307 -10.49 -7.16 9.55
C GLY A 307 -9.86 -8.26 8.73
N VAL A 308 -10.58 -8.68 7.69
CA VAL A 308 -10.18 -9.80 6.85
C VAL A 308 -9.61 -9.27 5.54
N SER A 309 -8.54 -9.91 5.06
CA SER A 309 -7.90 -9.58 3.80
C SER A 309 -7.78 -10.84 2.96
N GLY A 310 -7.49 -10.65 1.68
CA GLY A 310 -7.19 -11.77 0.81
C GLY A 310 -8.20 -11.99 -0.31
N ALA A 311 -8.32 -13.24 -0.75
CA ALA A 311 -9.15 -13.56 -1.91
C ALA A 311 -10.60 -13.19 -1.66
N LYS A 312 -11.13 -13.49 -0.46
CA LYS A 312 -12.52 -13.19 -0.17
C LYS A 312 -12.81 -11.70 -0.18
N LEU A 313 -11.79 -10.84 -0.30
CA LEU A 313 -11.97 -9.40 -0.43
C LEU A 313 -11.84 -8.92 -1.87
N LYS A 314 -11.47 -9.81 -2.79
CA LYS A 314 -11.22 -9.43 -4.19
C LYS A 314 -12.43 -8.75 -4.82
N ASP A 315 -13.53 -9.47 -4.99
CA ASP A 315 -14.64 -8.94 -5.77
C ASP A 315 -15.27 -7.74 -5.11
N ILE A 316 -15.25 -7.67 -3.77
CA ILE A 316 -15.90 -6.57 -3.08
C ILE A 316 -15.19 -5.25 -3.38
N SER A 317 -13.87 -5.26 -3.35
CA SER A 317 -13.11 -4.03 -3.51
C SER A 317 -13.20 -3.51 -4.95
N THR A 318 -13.21 -4.42 -5.93
CA THR A 318 -13.26 -3.99 -7.32
C THR A 318 -14.52 -3.17 -7.59
N LYS A 319 -15.68 -3.67 -7.13
CA LYS A 319 -16.91 -2.90 -7.25
C LYS A 319 -16.75 -1.50 -6.67
N PHE A 320 -16.18 -1.42 -5.46
CA PHE A 320 -15.96 -0.12 -4.83
C PHE A 320 -15.17 0.80 -5.74
N ILE A 321 -14.19 0.25 -6.47
CA ILE A 321 -13.42 1.07 -7.40
C ILE A 321 -14.31 1.59 -8.53
N CYS A 322 -15.17 0.73 -9.07
CA CYS A 322 -16.12 1.19 -10.07
C CYS A 322 -17.05 2.25 -9.49
N GLU A 323 -17.56 2.01 -8.26
CA GLU A 323 -18.47 2.95 -7.63
C GLU A 323 -17.80 4.30 -7.40
N MET A 324 -16.51 4.30 -7.09
CA MET A 324 -15.78 5.55 -6.83
C MET A 324 -15.24 6.16 -8.11
N TYR A 325 -14.73 5.34 -9.03
CA TYR A 325 -14.27 5.86 -10.32
C TYR A 325 -15.36 6.59 -11.06
N ASN A 326 -16.62 6.32 -10.74
CA ASN A 326 -17.76 7.05 -11.27
C ASN A 326 -18.14 8.24 -10.37
N TYR A 327 -18.04 8.07 -9.05
CA TYR A 327 -18.42 9.14 -8.15
C TYR A 327 -17.50 10.35 -8.27
N THR A 328 -16.24 10.15 -8.64
CA THR A 328 -15.27 11.22 -8.78
C THR A 328 -15.10 11.67 -10.22
N ASN A 329 -15.91 11.15 -11.14
CA ASN A 329 -15.86 11.55 -12.54
C ASN A 329 -14.46 11.31 -13.12
N LYS A 330 -13.84 10.20 -12.72
CA LYS A 330 -12.55 9.77 -13.24
C LYS A 330 -11.46 10.83 -13.13
N GLN A 331 -11.66 11.85 -12.28
CA GLN A 331 -10.70 12.92 -12.16
C GLN A 331 -9.67 12.69 -11.06
N ILE A 332 -9.87 11.70 -10.20
CA ILE A 332 -8.97 11.38 -9.11
C ILE A 332 -8.48 9.94 -9.34
N PRO A 333 -7.19 9.73 -9.59
CA PRO A 333 -6.73 8.35 -9.89
C PRO A 333 -6.97 7.41 -8.73
N ILE A 334 -7.11 6.12 -9.07
CA ILE A 334 -7.38 5.06 -8.11
C ILE A 334 -6.13 4.19 -7.96
N ILE A 335 -5.89 3.75 -6.73
CA ILE A 335 -4.85 2.77 -6.43
C ILE A 335 -5.56 1.54 -5.85
N ALA A 336 -5.40 0.40 -6.52
CA ALA A 336 -6.16 -0.79 -6.17
C ALA A 336 -5.42 -1.63 -5.13
N SER A 337 -6.17 -2.12 -4.14
CA SER A 337 -5.64 -3.00 -3.11
C SER A 337 -6.79 -3.85 -2.58
N GLY A 338 -6.64 -5.18 -2.69
CA GLY A 338 -7.65 -6.08 -2.17
C GLY A 338 -7.85 -7.33 -2.99
N GLY A 339 -7.35 -8.46 -2.49
CA GLY A 339 -7.59 -9.74 -3.12
C GLY A 339 -6.95 -9.92 -4.48
N ILE A 340 -5.84 -9.24 -4.74
CA ILE A 340 -5.15 -9.34 -6.01
C ILE A 340 -4.16 -10.50 -5.90
N PHE A 341 -4.44 -11.59 -6.63
CA PHE A 341 -3.63 -12.80 -6.56
C PHE A 341 -3.09 -13.27 -7.89
N SER A 342 -3.69 -12.87 -9.01
CA SER A 342 -3.28 -13.31 -10.33
C SER A 342 -3.19 -12.12 -11.28
N GLY A 343 -2.52 -12.34 -12.41
CA GLY A 343 -2.41 -11.28 -13.41
C GLY A 343 -3.77 -10.83 -13.92
N LEU A 344 -4.71 -11.76 -14.05
CA LEU A 344 -6.06 -11.39 -14.48
C LEU A 344 -6.78 -10.57 -13.43
N ASP A 345 -6.52 -10.85 -12.15
CA ASP A 345 -7.08 -10.02 -11.09
C ASP A 345 -6.62 -8.58 -11.23
N ALA A 346 -5.35 -8.37 -11.58
CA ALA A 346 -4.84 -7.02 -11.75
C ALA A 346 -5.56 -6.31 -12.89
N LEU A 347 -5.75 -7.00 -14.01
CA LEU A 347 -6.44 -6.37 -15.15
C LEU A 347 -7.89 -6.08 -14.83
N GLU A 348 -8.55 -6.96 -14.06
CA GLU A 348 -9.90 -6.68 -13.60
C GLU A 348 -9.94 -5.38 -12.80
N LYS A 349 -8.96 -5.18 -11.92
CA LYS A 349 -8.87 -3.93 -11.18
C LYS A 349 -8.61 -2.75 -12.11
N ILE A 350 -7.69 -2.91 -13.04
CA ILE A 350 -7.28 -1.80 -13.90
C ILE A 350 -8.41 -1.41 -14.84
N GLU A 351 -9.01 -2.39 -15.52
CA GLU A 351 -10.11 -2.07 -16.43
C GLU A 351 -11.30 -1.49 -15.69
N ALA A 352 -11.39 -1.70 -14.38
CA ALA A 352 -12.44 -1.09 -13.58
C ALA A 352 -12.18 0.38 -13.30
N GLY A 353 -10.92 0.81 -13.35
CA GLY A 353 -10.59 2.22 -13.16
C GLY A 353 -9.30 2.47 -12.43
N ALA A 354 -8.65 1.41 -11.96
CA ALA A 354 -7.43 1.56 -11.18
C ALA A 354 -6.23 1.78 -12.09
N SER A 355 -5.27 2.57 -11.59
CA SER A 355 -4.03 2.81 -12.31
C SER A 355 -2.87 1.94 -11.84
N VAL A 356 -2.89 1.51 -10.57
CA VAL A 356 -1.82 0.72 -9.98
C VAL A 356 -2.45 -0.31 -9.04
N CYS A 357 -1.65 -1.29 -8.64
CA CYS A 357 -2.11 -2.38 -7.78
C CYS A 357 -1.11 -2.60 -6.65
N GLN A 358 -1.65 -2.99 -5.49
CA GLN A 358 -0.86 -3.34 -4.33
C GLN A 358 -1.16 -4.80 -3.96
N LEU A 359 -0.12 -5.53 -3.58
CA LEU A 359 -0.22 -6.94 -3.23
C LEU A 359 0.16 -7.12 -1.77
N TYR A 360 -0.69 -7.81 -1.01
CA TYR A 360 -0.38 -8.13 0.38
C TYR A 360 -0.59 -9.62 0.64
N SER A 361 -1.84 -10.07 0.63
CA SER A 361 -2.12 -11.48 0.87
C SER A 361 -1.45 -12.37 -0.15
N CYS A 362 -1.23 -11.87 -1.37
CA CYS A 362 -0.54 -12.65 -2.38
C CYS A 362 0.86 -13.03 -1.91
N LEU A 363 1.61 -12.06 -1.38
CA LEU A 363 2.92 -12.35 -0.82
C LEU A 363 2.81 -13.37 0.32
N VAL A 364 1.71 -13.33 1.07
CA VAL A 364 1.54 -14.26 2.18
C VAL A 364 1.40 -15.69 1.66
N PHE A 365 0.59 -15.87 0.62
CA PHE A 365 0.28 -17.21 0.13
C PHE A 365 1.13 -17.66 -1.05
N ASN A 366 1.75 -16.73 -1.79
CA ASN A 366 2.59 -17.07 -2.92
C ASN A 366 4.06 -16.79 -2.71
N GLY A 367 4.41 -15.86 -1.82
CA GLY A 367 5.79 -15.67 -1.42
C GLY A 367 6.65 -14.91 -2.40
N MET A 368 7.88 -15.39 -2.58
CA MET A 368 8.89 -14.66 -3.33
C MET A 368 8.56 -14.52 -4.82
N LYS A 369 7.74 -15.42 -5.37
CA LYS A 369 7.42 -15.40 -6.79
C LYS A 369 6.26 -14.46 -7.13
N SER A 370 5.79 -13.68 -6.16
CA SER A 370 4.59 -12.87 -6.38
C SER A 370 4.77 -11.89 -7.53
N ALA A 371 5.85 -11.10 -7.48
CA ALA A 371 6.03 -10.03 -8.45
C ALA A 371 6.36 -10.58 -9.83
N VAL A 372 7.32 -11.50 -9.91
CA VAL A 372 7.72 -12.03 -11.21
C VAL A 372 6.55 -12.77 -11.86
N GLN A 373 5.80 -13.52 -11.07
CA GLN A 373 4.66 -14.26 -11.60
C GLN A 373 3.57 -13.30 -12.07
N ILE A 374 3.19 -12.35 -11.22
CA ILE A 374 2.07 -11.47 -11.52
C ILE A 374 2.40 -10.58 -12.71
N LYS A 375 3.65 -10.12 -12.81
CA LYS A 375 4.01 -9.23 -13.90
C LYS A 375 3.99 -9.96 -15.24
N ARG A 376 4.46 -11.21 -15.26
CA ARG A 376 4.40 -11.99 -16.50
C ARG A 376 2.94 -12.23 -16.91
N GLU A 377 2.10 -12.66 -15.97
CA GLU A 377 0.72 -12.98 -16.31
C GLU A 377 -0.01 -11.77 -16.88
N LEU A 378 0.20 -10.59 -16.30
CA LEU A 378 -0.47 -9.40 -16.80
C LEU A 378 0.06 -9.01 -18.18
N ASN A 379 1.36 -9.19 -18.42
CA ASN A 379 1.93 -8.86 -19.71
C ASN A 379 1.26 -9.66 -20.82
N HIS A 380 1.15 -10.98 -20.62
CA HIS A 380 0.53 -11.82 -21.64
C HIS A 380 -0.92 -11.42 -21.88
N LEU A 381 -1.64 -11.08 -20.81
CA LEU A 381 -3.06 -10.79 -20.95
C LEU A 381 -3.30 -9.43 -21.60
N LEU A 382 -2.36 -8.50 -21.46
CA LEU A 382 -2.57 -7.16 -22.00
C LEU A 382 -2.67 -7.18 -23.52
N TYR A 383 -1.79 -7.94 -24.18
CA TYR A 383 -1.83 -7.98 -25.64
C TYR A 383 -2.98 -8.83 -26.15
N GLN A 384 -3.28 -9.94 -25.45
CA GLN A 384 -4.40 -10.79 -25.87
C GLN A 384 -5.71 -10.01 -25.88
N ARG A 385 -5.94 -9.19 -24.85
CA ARG A 385 -7.14 -8.37 -24.81
C ARG A 385 -7.11 -7.21 -25.79
N GLY A 386 -5.98 -6.96 -26.45
CA GLY A 386 -5.88 -5.91 -27.43
C GLY A 386 -5.62 -4.54 -26.82
N TYR A 387 -4.36 -4.27 -26.48
CA TYR A 387 -3.99 -3.00 -25.89
C TYR A 387 -2.58 -2.64 -26.32
N TYR A 388 -2.36 -1.35 -26.59
CA TYR A 388 -1.01 -0.87 -26.88
C TYR A 388 -0.18 -0.77 -25.61
N ASN A 389 -0.77 -0.24 -24.53
CA ASN A 389 -0.10 -0.17 -23.24
C ASN A 389 -1.16 -0.29 -22.15
N LEU A 390 -0.70 -0.23 -20.90
CA LEU A 390 -1.61 -0.45 -19.78
C LEU A 390 -2.65 0.67 -19.67
N LYS A 391 -2.24 1.92 -19.92
CA LYS A 391 -3.16 3.03 -19.78
C LYS A 391 -4.42 2.81 -20.61
N GLU A 392 -4.26 2.35 -21.85
CA GLU A 392 -5.43 2.12 -22.71
C GLU A 392 -6.51 1.29 -22.04
N ALA A 393 -6.17 0.53 -21.00
CA ALA A 393 -7.13 -0.35 -20.36
C ALA A 393 -7.90 0.29 -19.23
N ILE A 394 -7.38 1.38 -18.64
CA ILE A 394 -8.00 1.97 -17.47
C ILE A 394 -9.45 2.33 -17.78
N GLY A 395 -10.37 1.78 -16.98
CA GLY A 395 -11.78 2.12 -17.12
C GLY A 395 -12.41 1.68 -18.42
N ARG A 396 -11.79 0.76 -19.15
CA ARG A 396 -12.35 0.33 -20.43
C ARG A 396 -13.62 -0.50 -20.26
N LYS A 397 -13.80 -1.14 -19.11
CA LYS A 397 -14.99 -1.94 -18.87
C LYS A 397 -16.25 -1.07 -18.99
C01 A1A5P B . 4.07 -18.16 4.24
C03 A1A5P B . 4.40 -15.70 4.40
C04 A1A5P B . 5.44 -15.59 3.26
C05 A1A5P B . 6.77 -16.31 3.63
C06 A1A5P B . 7.48 -16.95 2.62
C07 A1A5P B . 8.68 -17.61 2.92
C08 A1A5P B . 9.15 -17.60 4.23
C09 A1A5P B . 10.47 -18.32 4.56
C13 A1A5P B . 8.45 -16.96 5.24
C14 A1A5P B . 7.24 -16.30 4.94
C15 A1A5P B . 3.87 -14.65 5.19
C16 A1A5P B . 2.96 -15.22 6.08
C17 A1A5P B . 2.18 -14.32 7.10
C19 A1A5P B . 1.69 -12.03 8.10
C20 A1A5P B . 1.55 -10.53 8.37
C21 A1A5P B . 0.42 -11.29 7.69
C22 A1A5P B . 3.37 -12.27 6.23
C23 A1A5P B . 4.12 -13.12 5.25
C24 A1A5P B . 5.12 -12.44 4.29
F10 A1A5P B . 10.26 -19.20 5.59
F11 A1A5P B . 10.90 -19.00 3.46
F12 A1A5P B . 11.39 -17.39 4.92
N02 A1A5P B . 3.82 -16.83 4.80
N18 A1A5P B . 2.42 -12.88 7.15
N26 A1A5P B . 2.91 -16.57 5.83
O25 A1A5P B . 1.40 -14.82 7.85
H013 A1A5P B . 5.01 -18.37 4.34
H011 A1A5P B . 3.54 -18.82 4.70
H012 A1A5P B . 3.85 -18.16 3.29
H041 A1A5P B . 5.64 -14.64 3.11
H042 A1A5P B . 5.08 -15.98 2.46
H061 A1A5P B . 7.17 -16.95 1.75
H071 A1A5P B . 9.16 -18.04 2.25
H131 A1A5P B . 8.77 -16.96 6.11
H141 A1A5P B . 6.77 -15.86 5.61
H191 A1A5P B . 1.52 -12.53 8.92
H202 A1A5P B . 1.39 -10.28 9.30
H201 A1A5P B . 2.08 -9.95 7.80
H212 A1A5P B . 0.32 -11.13 6.73
H211 A1A5P B . -0.36 -11.47 8.24
H221 A1A5P B . 3.52 -11.36 6.26
H241 A1A5P B . 5.27 -11.54 4.58
H243 A1A5P B . 4.75 -12.44 3.39
H242 A1A5P B . 5.95 -12.93 4.30
N1 FMN C . -3.28 -1.30 5.76
C2 FMN C . -2.83 -0.05 6.14
O2 FMN C . -3.20 0.95 5.51
N3 FMN C . -1.97 0.09 7.20
C4 FMN C . -1.55 -1.04 7.90
O4 FMN C . -0.79 -0.92 8.85
C4A FMN C . -2.01 -2.29 7.52
N5 FMN C . -1.61 -3.41 8.22
C5A FMN C . -2.05 -4.65 7.85
C6 FMN C . -1.63 -5.77 8.55
C7 FMN C . -2.06 -7.03 8.19
C7M FMN C . -1.58 -8.21 8.99
C8 FMN C . -2.93 -7.18 7.11
C8M FMN C . -3.44 -8.52 6.68
C9 FMN C . -3.35 -6.06 6.40
C9A FMN C . -2.92 -4.79 6.76
N10 FMN C . -3.33 -3.67 6.07
C10 FMN C . -2.88 -2.43 6.45
C1' FMN C . -4.27 -3.78 4.90
C2' FMN C . -3.47 -4.13 3.65
O2' FMN C . -2.51 -3.13 3.43
C3' FMN C . -4.35 -4.26 2.41
O3' FMN C . -5.04 -3.06 2.21
C4' FMN C . -5.35 -5.39 2.57
O4' FMN C . -4.78 -6.45 3.31
C5' FMN C . -5.82 -5.93 1.23
O5' FMN C . -4.73 -6.55 0.59
P FMN C . -4.86 -8.04 0.00
O1P FMN C . -4.36 -9.00 1.06
O2P FMN C . -4.03 -8.19 -1.25
O3P FMN C . -6.32 -8.34 -0.29
HN3 FMN C . -1.63 1.03 7.48
H6 FMN C . -0.95 -5.65 9.39
HM71 FMN C . -2.23 -9.07 8.80
HM72 FMN C . -1.61 -7.97 10.04
HM73 FMN C . -0.57 -8.46 8.69
HM81 FMN C . -4.01 -8.42 5.76
HM82 FMN C . -4.07 -8.95 7.46
HM83 FMN C . -2.59 -9.19 6.50
H9 FMN C . -4.03 -6.18 5.56
H1'1 FMN C . -4.80 -2.84 4.75
H1'2 FMN C . -5.01 -4.56 5.09
H2' FMN C . -2.98 -5.10 3.81
HO2' FMN C . -2.66 -2.71 2.56
H3' FMN C . -3.72 -4.49 1.56
HO3' FMN C . -6.00 -3.23 2.17
H4' FMN C . -6.22 -4.99 3.11
HO4' FMN C . -4.73 -7.26 2.75
H5'1 FMN C . -6.20 -5.13 0.62
H5'2 FMN C . -6.62 -6.66 1.37
O2 OG6 D . -2.30 -2.30 11.74
C10 OG6 D . -3.48 -2.70 11.78
C06 OG6 D . -4.29 -2.56 10.49
C07 OG6 D . -4.44 -1.40 9.81
C09 OG6 D . -5.24 -1.38 8.61
O02 OG6 D . -5.45 -0.41 7.91
N05 OG6 D . -5.78 -2.62 8.26
C08 OG6 D . -5.64 -3.80 8.92
O01 OG6 D . -6.15 -4.84 8.55
N04 OG6 D . -4.87 -3.71 10.05
O1 OG6 D . -4.11 -3.19 12.73
H2 OG6 D . -4.06 -0.61 10.11
H4 OG6 D . -6.25 -2.64 7.54
H3 OG6 D . -4.73 -4.41 10.53
#